data_5SWH
#
_entry.id   5SWH
#
_cell.length_a   41.819
_cell.length_b   64.139
_cell.length_c   74.910
_cell.angle_alpha   77.940
_cell.angle_beta   89.500
_cell.angle_gamma   89.830
#
_symmetry.space_group_name_H-M   'P 1'
#
loop_
_entity.id
_entity.type
_entity.pdbx_description
1 polymer 'Proto-oncogene tyrosine-protein kinase Src'
2 non-polymer '(2R)-3-[4-amino-5-(4-chlorophenyl)-7-(2-methoxyethyl)-7H-pyrrolo[2,3-d]pyrimidin-6-yl]-2-cyano-N-(propan-2-yl)propanami de'
3 water water
#
_entity_poly.entity_id   1
_entity_poly.type   'polypeptide(L)'
_entity_poly.pdbx_seq_one_letter_code
;GHMQTQGLAKDAWEIPRESLRLEVKLGQGCFGECWMGTWNGTTRVAIKTLKPGTMSPEAFLQEAQVMKKLRHEKLVQLYA
VVSEEPIYIVTEYMSKGSLLDFLKGEMGKYLRLPQLVDMAAQIASGMAYVERMNYVHRDLRAANILVGENLVCKVADFGL
ARLIEDNEYTARQGAKFPIKWTAPEAALYGRFTIKSDVWSFGILLTELTTKGRVPYPGMVNREVLDQVERGYRMPCPPEC
PESLHDLMCQCWRKDPEERPTFEYLQAFLEDYFTSTEPQYQPGENL
;
_entity_poly.pdbx_strand_id   A,B
#
# COMPACT_ATOMS: atom_id res chain seq x y z
N ASP A 11 17.66 -32.76 26.28
CA ASP A 11 17.26 -31.90 25.12
C ASP A 11 18.44 -31.70 24.17
N ALA A 12 18.58 -32.61 23.20
CA ALA A 12 19.56 -32.49 22.13
C ALA A 12 19.42 -31.24 21.24
N TRP A 13 18.23 -30.60 21.24
CA TRP A 13 18.04 -29.33 20.49
C TRP A 13 18.89 -28.17 21.03
N GLU A 14 19.21 -28.23 22.33
CA GLU A 14 20.03 -27.20 23.00
C GLU A 14 21.43 -27.08 22.36
N ILE A 15 21.96 -25.84 22.32
CA ILE A 15 23.32 -25.54 21.80
C ILE A 15 24.04 -24.43 22.60
N PRO A 16 25.37 -24.27 22.40
CA PRO A 16 26.07 -23.15 23.06
C PRO A 16 25.89 -21.80 22.37
N ARG A 17 26.24 -20.73 23.09
CA ARG A 17 26.08 -19.33 22.63
C ARG A 17 27.11 -18.71 21.68
N GLU A 18 28.39 -18.98 21.85
CA GLU A 18 29.43 -18.36 20.99
C GLU A 18 29.30 -18.82 19.50
N SER A 19 28.60 -19.93 19.27
CA SER A 19 28.32 -20.44 17.92
C SER A 19 27.34 -19.62 17.02
N LEU A 20 26.72 -18.55 17.54
CA LEU A 20 25.81 -17.70 16.74
C LEU A 20 26.32 -16.29 16.48
N ARG A 21 26.63 -15.99 15.21
CA ARG A 21 26.89 -14.61 14.78
C ARG A 21 25.57 -14.07 14.19
N LEU A 22 25.11 -12.92 14.68
CA LEU A 22 23.86 -12.30 14.26
C LEU A 22 24.16 -11.08 13.37
N GLU A 23 24.34 -11.31 12.08
CA GLU A 23 24.74 -10.25 11.14
C GLU A 23 23.66 -9.18 10.87
N VAL A 24 22.58 -9.56 10.18
CA VAL A 24 21.59 -8.62 9.65
C VAL A 24 20.27 -8.73 10.45
N LYS A 25 19.68 -7.58 10.76
CA LYS A 25 18.45 -7.49 11.55
C LYS A 25 17.21 -7.39 10.66
N LEU A 26 16.36 -8.41 10.70
CA LEU A 26 15.20 -8.54 9.83
C LEU A 26 13.89 -8.02 10.47
N GLY A 27 13.59 -8.50 11.67
CA GLY A 27 12.32 -8.19 12.37
C GLY A 27 12.48 -7.65 13.78
N GLN A 28 11.36 -7.18 14.34
CA GLN A 28 11.27 -6.62 15.71
C GLN A 28 9.80 -6.40 16.14
N GLY A 29 9.58 -6.14 17.42
CA GLY A 29 8.29 -5.70 17.91
C GLY A 29 8.22 -5.77 19.43
N CYS A 30 7.04 -6.10 19.94
CA CYS A 30 6.87 -6.39 21.36
C CYS A 30 7.62 -7.70 21.76
N PHE A 31 7.41 -8.75 20.98
CA PHE A 31 7.93 -10.10 21.26
C PHE A 31 9.47 -10.24 21.29
N GLY A 32 10.13 -9.50 20.40
CA GLY A 32 11.59 -9.55 20.26
C GLY A 32 11.99 -9.48 18.81
N GLU A 33 13.31 -9.48 18.57
CA GLU A 33 13.88 -9.36 17.22
C GLU A 33 13.99 -10.71 16.51
N CYS A 34 14.27 -10.68 15.21
CA CYS A 34 14.73 -11.86 14.48
C CYS A 34 15.77 -11.43 13.43
N TRP A 35 16.83 -12.22 13.26
CA TRP A 35 18.03 -11.85 12.49
C TRP A 35 18.42 -12.94 11.51
N MET A 36 19.24 -12.58 10.52
CA MET A 36 20.06 -13.55 9.77
C MET A 36 21.41 -13.72 10.47
N GLY A 37 21.89 -14.95 10.56
CA GLY A 37 23.16 -15.22 11.20
C GLY A 37 23.97 -16.35 10.62
N THR A 38 24.92 -16.85 11.41
CA THR A 38 25.69 -18.06 11.08
C THR A 38 25.72 -18.98 12.29
N TRP A 39 25.91 -20.27 12.04
CA TRP A 39 25.97 -21.29 13.10
C TRP A 39 27.22 -22.16 12.94
N ASN A 40 28.09 -22.14 13.95
CA ASN A 40 29.42 -22.76 13.89
C ASN A 40 30.23 -22.24 12.70
N GLY A 41 30.24 -20.92 12.51
CA GLY A 41 31.10 -20.28 11.52
C GLY A 41 30.70 -20.40 10.05
N THR A 42 30.18 -21.55 9.62
CA THR A 42 29.87 -21.82 8.21
C THR A 42 28.38 -21.64 7.84
N THR A 43 27.50 -22.42 8.46
CA THR A 43 26.11 -22.58 7.99
C THR A 43 25.20 -21.37 8.28
N ARG A 44 24.58 -20.88 7.21
CA ARG A 44 23.64 -19.74 7.23
C ARG A 44 22.34 -20.10 7.94
N VAL A 45 21.95 -19.28 8.93
CA VAL A 45 20.72 -19.51 9.69
C VAL A 45 19.91 -18.22 9.87
N ALA A 46 18.68 -18.42 10.33
CA ALA A 46 17.81 -17.36 10.80
C ALA A 46 17.65 -17.59 12.28
N ILE A 47 17.57 -16.48 13.02
CA ILE A 47 17.52 -16.52 14.49
C ILE A 47 16.44 -15.57 15.00
N LYS A 48 15.69 -16.00 16.03
CA LYS A 48 14.61 -15.21 16.61
C LYS A 48 14.81 -15.09 18.12
N THR A 49 14.74 -13.86 18.61
CA THR A 49 15.15 -13.47 19.96
C THR A 49 13.97 -13.10 20.87
N LEU A 50 14.26 -12.94 22.16
CA LEU A 50 13.27 -12.60 23.18
C LEU A 50 13.67 -11.38 24.00
N LYS A 51 12.78 -10.38 24.00
CA LYS A 51 12.80 -9.32 25.01
C LYS A 51 12.17 -9.90 26.30
N PRO A 52 12.95 -10.04 27.39
CA PRO A 52 12.38 -10.63 28.62
C PRO A 52 11.30 -9.80 29.33
N GLY A 53 11.24 -8.49 29.07
CA GLY A 53 10.24 -7.59 29.68
C GLY A 53 8.79 -7.88 29.35
N THR A 54 8.43 -7.78 28.06
CA THR A 54 7.05 -7.94 27.62
C THR A 54 6.59 -9.41 27.69
N MET A 55 7.23 -10.28 26.91
CA MET A 55 6.86 -11.70 26.85
C MET A 55 7.57 -12.49 27.96
N SER A 56 6.84 -13.40 28.59
CA SER A 56 7.36 -14.16 29.72
C SER A 56 8.24 -15.30 29.19
N PRO A 57 9.13 -15.86 30.05
CA PRO A 57 10.07 -16.92 29.63
C PRO A 57 9.40 -18.23 29.17
N GLU A 58 8.43 -18.72 29.95
CA GLU A 58 7.65 -19.91 29.58
C GLU A 58 6.61 -19.64 28.46
N ALA A 59 6.26 -18.36 28.24
CA ALA A 59 5.37 -17.96 27.14
C ALA A 59 6.05 -18.03 25.77
N PHE A 60 7.22 -17.41 25.64
CA PHE A 60 7.97 -17.35 24.36
C PHE A 60 8.41 -18.75 23.86
N LEU A 61 8.72 -19.64 24.79
CA LEU A 61 9.07 -21.02 24.48
C LEU A 61 8.00 -21.79 23.69
N GLN A 62 6.71 -21.69 24.12
CA GLN A 62 5.42 -22.13 23.41
C GLN A 62 5.57 -22.73 21.99
N GLU A 63 6.02 -21.85 21.09
CA GLU A 63 6.03 -22.10 19.65
C GLU A 63 7.22 -23.00 19.24
N ALA A 64 8.28 -23.01 20.04
CA ALA A 64 9.48 -23.84 19.81
C ALA A 64 9.30 -25.32 20.19
N GLN A 65 8.52 -25.58 21.25
CA GLN A 65 8.11 -26.95 21.59
C GLN A 65 7.34 -27.57 20.44
N VAL A 66 6.55 -26.73 19.76
CA VAL A 66 5.71 -27.10 18.62
C VAL A 66 6.56 -27.38 17.36
N MET A 67 7.60 -26.57 17.15
CA MET A 67 8.54 -26.76 16.03
C MET A 67 9.50 -27.93 16.23
N LYS A 68 9.58 -28.46 17.44
CA LYS A 68 10.29 -29.72 17.69
C LYS A 68 9.50 -30.93 17.22
N LYS A 69 8.20 -30.95 17.53
CA LYS A 69 7.35 -32.10 17.21
C LYS A 69 6.87 -32.17 15.74
N LEU A 70 7.22 -31.17 14.91
CA LEU A 70 6.88 -31.15 13.48
C LEU A 70 8.15 -31.13 12.59
N ARG A 71 8.10 -31.87 11.48
CA ARG A 71 9.19 -31.93 10.50
C ARG A 71 8.66 -32.25 9.09
N HIS A 72 8.83 -31.30 8.17
CA HIS A 72 8.32 -31.43 6.81
C HIS A 72 9.01 -30.45 5.86
N GLU A 73 9.24 -30.88 4.63
CA GLU A 73 9.98 -30.04 3.66
C GLU A 73 9.35 -28.63 3.43
N LYS A 74 8.08 -28.45 3.79
CA LYS A 74 7.36 -27.17 3.67
C LYS A 74 7.02 -26.45 4.95
N LEU A 75 7.51 -26.91 6.09
CA LEU A 75 7.50 -26.05 7.28
C LEU A 75 8.94 -25.67 7.57
N VAL A 76 9.12 -24.38 7.86
CA VAL A 76 10.42 -23.82 8.22
C VAL A 76 11.01 -24.70 9.31
N GLN A 77 12.24 -25.13 9.11
CA GLN A 77 12.90 -26.14 9.95
C GLN A 77 13.68 -25.60 11.17
N LEU A 78 13.37 -26.15 12.34
CA LEU A 78 14.13 -25.86 13.55
C LEU A 78 15.51 -26.48 13.45
N TYR A 79 16.52 -25.75 13.89
CA TYR A 79 17.91 -26.21 13.93
C TYR A 79 18.46 -26.36 15.35
N ALA A 80 18.23 -25.36 16.20
CA ALA A 80 18.74 -25.37 17.56
C ALA A 80 18.02 -24.36 18.41
N VAL A 81 18.18 -24.50 19.73
CA VAL A 81 17.54 -23.61 20.70
C VAL A 81 18.53 -23.20 21.79
N VAL A 82 18.41 -21.95 22.27
CA VAL A 82 19.10 -21.52 23.47
C VAL A 82 18.00 -21.17 24.46
N SER A 83 17.67 -22.12 25.34
CA SER A 83 16.52 -21.98 26.27
C SER A 83 16.82 -21.28 27.62
N GLU A 84 17.97 -20.61 27.73
CA GLU A 84 18.29 -19.71 28.85
C GLU A 84 18.13 -18.27 28.38
N GLU A 85 17.61 -17.40 29.26
CA GLU A 85 17.40 -16.00 28.91
C GLU A 85 18.74 -15.30 28.57
N PRO A 86 18.79 -14.40 27.56
CA PRO A 86 17.72 -14.19 26.58
C PRO A 86 17.65 -15.38 25.63
N ILE A 87 16.44 -15.88 25.36
CA ILE A 87 16.26 -17.10 24.57
C ILE A 87 16.48 -16.82 23.08
N TYR A 88 17.09 -17.79 22.39
CA TYR A 88 17.30 -17.71 20.93
C TYR A 88 16.71 -18.96 20.30
N ILE A 89 16.04 -18.80 19.16
CA ILE A 89 15.50 -19.92 18.37
C ILE A 89 16.12 -19.87 16.98
N VAL A 90 16.67 -21.00 16.54
CA VAL A 90 17.49 -21.07 15.32
C VAL A 90 16.82 -21.96 14.26
N THR A 91 16.67 -21.42 13.05
CA THR A 91 15.99 -22.13 11.97
C THR A 91 16.73 -21.89 10.65
N GLU A 92 16.34 -22.61 9.60
CA GLU A 92 16.88 -22.36 8.26
C GLU A 92 16.55 -20.93 7.83
N TYR A 93 17.35 -20.41 6.92
CA TYR A 93 17.18 -19.01 6.45
C TYR A 93 16.46 -19.00 5.11
N MET A 94 15.34 -18.30 5.09
CA MET A 94 14.54 -18.26 3.90
C MET A 94 14.94 -16.99 3.19
N SER A 95 15.66 -17.14 2.09
CA SER A 95 16.35 -16.01 1.48
C SER A 95 15.43 -14.86 1.08
N LYS A 96 14.26 -15.18 0.55
CA LYS A 96 13.45 -14.20 -0.16
C LYS A 96 12.32 -13.57 0.67
N GLY A 97 12.35 -13.71 1.98
CA GLY A 97 11.47 -12.96 2.88
C GLY A 97 10.03 -13.46 2.95
N SER A 98 9.17 -12.66 3.54
CA SER A 98 7.77 -13.00 3.66
C SER A 98 7.12 -13.03 2.26
N LEU A 99 6.10 -13.88 2.14
CA LEU A 99 5.41 -14.08 0.87
C LEU A 99 4.62 -12.84 0.49
N LEU A 100 4.10 -12.13 1.50
CA LEU A 100 3.43 -10.89 1.32
C LEU A 100 4.34 -9.82 0.70
N ASP A 101 5.55 -9.61 1.23
CA ASP A 101 6.50 -8.64 0.62
C ASP A 101 6.87 -8.99 -0.80
N PHE A 102 7.00 -10.29 -1.03
CA PHE A 102 7.43 -10.81 -2.30
C PHE A 102 6.41 -10.52 -3.37
N LEU A 103 5.14 -10.75 -3.07
CA LEU A 103 4.04 -10.45 -4.00
C LEU A 103 3.88 -8.94 -4.21
N LYS A 104 4.12 -8.14 -3.17
CA LYS A 104 3.84 -6.69 -3.23
C LYS A 104 4.91 -6.00 -4.03
N GLY A 105 6.14 -6.42 -3.80
CA GLY A 105 7.31 -5.76 -4.34
C GLY A 105 7.64 -5.99 -5.81
N GLU A 106 8.78 -5.44 -6.24
CA GLU A 106 9.20 -5.46 -7.66
C GLU A 106 9.52 -6.87 -8.16
N MET A 107 9.70 -7.84 -7.24
CA MET A 107 9.86 -9.27 -7.59
C MET A 107 8.63 -10.04 -8.03
N GLY A 108 7.47 -9.61 -7.53
CA GLY A 108 6.22 -10.32 -7.73
C GLY A 108 5.33 -9.78 -8.81
N LYS A 109 5.73 -8.70 -9.49
CA LYS A 109 4.92 -8.14 -10.57
C LYS A 109 4.99 -9.04 -11.81
N TYR A 110 6.06 -9.85 -11.88
CA TYR A 110 6.25 -10.83 -12.97
C TYR A 110 5.80 -12.28 -12.65
N LEU A 111 5.15 -12.52 -11.49
CA LEU A 111 4.58 -13.86 -11.20
C LEU A 111 3.29 -14.08 -11.97
N ARG A 112 3.14 -15.23 -12.62
CA ARG A 112 1.88 -15.59 -13.28
C ARG A 112 1.23 -16.78 -12.59
N LEU A 113 0.06 -17.18 -13.09
CA LEU A 113 -0.68 -18.27 -12.46
C LEU A 113 0.12 -19.55 -12.26
N PRO A 114 0.95 -19.96 -13.22
CA PRO A 114 1.60 -21.26 -13.00
C PRO A 114 2.48 -21.31 -11.77
N GLN A 115 3.24 -20.25 -11.51
CA GLN A 115 4.14 -20.18 -10.31
C GLN A 115 3.32 -19.94 -9.05
N LEU A 116 2.31 -19.07 -9.18
CA LEU A 116 1.45 -18.72 -8.06
C LEU A 116 0.68 -19.97 -7.58
N VAL A 117 0.20 -20.79 -8.50
CA VAL A 117 -0.48 -22.05 -8.14
C VAL A 117 0.49 -23.08 -7.56
N ASP A 118 1.70 -23.14 -8.08
CA ASP A 118 2.71 -24.03 -7.53
C ASP A 118 3.02 -23.67 -6.08
N MET A 119 3.01 -22.37 -5.77
CA MET A 119 3.27 -21.88 -4.43
C MET A 119 2.14 -22.31 -3.53
N ALA A 120 0.93 -22.17 -4.05
CA ALA A 120 -0.26 -22.54 -3.30
C ALA A 120 -0.22 -24.03 -3.00
N ALA A 121 0.23 -24.82 -3.95
CA ALA A 121 0.32 -26.27 -3.75
C ALA A 121 1.32 -26.66 -2.66
N GLN A 122 2.39 -25.89 -2.53
CA GLN A 122 3.45 -26.21 -1.54
C GLN A 122 2.98 -25.91 -0.13
N ILE A 123 2.29 -24.79 0.04
CA ILE A 123 1.71 -24.44 1.33
C ILE A 123 0.63 -25.45 1.64
N ALA A 124 -0.17 -25.79 0.65
CA ALA A 124 -1.17 -26.83 0.80
C ALA A 124 -0.52 -28.17 1.27
N SER A 125 0.64 -28.54 0.72
CA SER A 125 1.40 -29.72 1.18
C SER A 125 1.74 -29.61 2.64
N GLY A 126 2.36 -28.51 3.03
CA GLY A 126 2.75 -28.30 4.41
C GLY A 126 1.54 -28.34 5.34
N MET A 127 0.44 -27.73 4.92
CA MET A 127 -0.76 -27.74 5.74
C MET A 127 -1.41 -29.13 5.78
N ALA A 128 -1.33 -29.89 4.68
CA ALA A 128 -1.81 -31.27 4.71
C ALA A 128 -1.01 -32.13 5.69
N TYR A 129 0.24 -31.76 5.95
CA TYR A 129 1.05 -32.40 6.97
C TYR A 129 0.56 -31.99 8.38
N VAL A 130 0.30 -30.70 8.58
CA VAL A 130 -0.33 -30.21 9.81
C VAL A 130 -1.68 -30.94 10.06
N GLU A 131 -2.45 -31.09 8.99
CA GLU A 131 -3.72 -31.81 9.01
C GLU A 131 -3.50 -33.23 9.53
N ARG A 132 -2.57 -33.97 8.91
CA ARG A 132 -2.28 -35.38 9.28
C ARG A 132 -1.84 -35.51 10.73
N MET A 133 -1.16 -34.49 11.24
CA MET A 133 -0.59 -34.50 12.58
C MET A 133 -1.52 -33.92 13.64
N ASN A 134 -2.74 -33.57 13.27
CA ASN A 134 -3.72 -33.06 14.21
C ASN A 134 -3.25 -31.80 14.95
N TYR A 135 -2.67 -30.85 14.23
CA TYR A 135 -2.48 -29.49 14.77
C TYR A 135 -3.36 -28.51 14.00
N VAL A 136 -3.44 -27.31 14.52
CA VAL A 136 -4.19 -26.20 13.93
C VAL A 136 -3.26 -25.00 13.95
N HIS A 137 -3.23 -24.28 12.84
CA HIS A 137 -2.29 -23.17 12.70
C HIS A 137 -2.80 -21.86 13.31
N ARG A 138 -4.03 -21.47 12.94
CA ARG A 138 -4.75 -20.26 13.46
C ARG A 138 -4.42 -18.94 12.76
N ASP A 139 -3.25 -18.83 12.17
CA ASP A 139 -2.82 -17.58 11.57
C ASP A 139 -2.26 -17.75 10.14
N LEU A 140 -2.93 -18.61 9.35
CA LEU A 140 -2.46 -18.94 8.05
C LEU A 140 -2.85 -17.83 7.09
N ARG A 141 -1.83 -17.13 6.61
CA ARG A 141 -1.95 -16.08 5.64
C ARG A 141 -0.56 -15.74 5.09
N ALA A 142 -0.57 -14.99 4.00
CA ALA A 142 0.64 -14.71 3.26
C ALA A 142 1.75 -14.03 4.04
N ALA A 143 1.46 -13.23 5.05
CA ALA A 143 2.54 -12.60 5.83
C ALA A 143 3.32 -13.58 6.76
N ASN A 144 2.76 -14.77 7.01
CA ASN A 144 3.41 -15.84 7.79
C ASN A 144 3.79 -17.04 6.92
N ILE A 145 3.95 -16.80 5.61
CA ILE A 145 4.59 -17.74 4.73
C ILE A 145 5.94 -17.13 4.33
N LEU A 146 6.99 -17.93 4.44
CA LEU A 146 8.34 -17.52 4.06
C LEU A 146 8.73 -18.14 2.71
N VAL A 147 9.39 -17.34 1.86
CA VAL A 147 9.78 -17.80 0.51
C VAL A 147 11.26 -17.95 0.50
N GLY A 148 11.72 -18.97 -0.21
CA GLY A 148 13.14 -19.31 -0.31
C GLY A 148 13.65 -19.30 -1.74
N GLU A 149 14.82 -19.91 -1.95
CA GLU A 149 15.39 -19.97 -3.28
C GLU A 149 14.54 -20.90 -4.11
N ASN A 150 14.33 -20.53 -5.38
CA ASN A 150 13.60 -21.37 -6.34
C ASN A 150 12.07 -21.34 -6.08
N LEU A 151 11.61 -20.26 -5.42
CA LEU A 151 10.20 -20.05 -5.03
C LEU A 151 9.60 -21.13 -4.13
N VAL A 152 10.44 -21.70 -3.29
CA VAL A 152 9.99 -22.62 -2.30
C VAL A 152 9.26 -21.76 -1.28
N CYS A 153 8.04 -22.17 -0.93
CA CYS A 153 7.24 -21.54 0.13
C CYS A 153 7.08 -22.46 1.32
N LYS A 154 7.21 -21.87 2.52
CA LYS A 154 7.11 -22.64 3.73
C LYS A 154 6.31 -21.89 4.80
N VAL A 155 5.66 -22.66 5.67
CA VAL A 155 4.81 -22.15 6.74
C VAL A 155 5.66 -21.81 7.97
N ALA A 156 5.36 -20.68 8.59
CA ALA A 156 6.33 -19.99 9.45
C ALA A 156 5.95 -19.71 10.91
N ASP A 157 4.71 -19.28 11.18
CA ASP A 157 4.30 -18.83 12.53
C ASP A 157 3.72 -20.04 13.25
N PHE A 158 4.06 -20.23 14.54
CA PHE A 158 3.54 -21.38 15.31
C PHE A 158 2.85 -21.03 16.65
N GLY A 159 2.75 -19.74 17.01
CA GLY A 159 2.11 -19.29 18.26
C GLY A 159 0.61 -19.11 18.14
N PRO A 178 -7.47 -9.85 13.15
CA PRO A 178 -7.12 -10.53 11.92
C PRO A 178 -8.34 -11.20 11.27
N ILE A 179 -9.48 -10.49 11.30
CA ILE A 179 -10.80 -11.06 10.98
C ILE A 179 -10.97 -11.34 9.48
N LYS A 180 -10.22 -10.65 8.64
CA LYS A 180 -10.30 -10.84 7.18
C LYS A 180 -9.78 -12.21 6.72
N TRP A 181 -8.99 -12.88 7.56
CA TRP A 181 -8.47 -14.21 7.29
C TRP A 181 -9.05 -15.35 8.17
N THR A 182 -9.78 -14.99 9.22
CA THR A 182 -10.27 -15.99 10.17
C THR A 182 -11.67 -16.37 9.79
N ALA A 183 -11.98 -17.67 9.84
CA ALA A 183 -13.36 -18.15 9.63
C ALA A 183 -14.28 -17.55 10.66
N PRO A 184 -15.56 -17.39 10.33
CA PRO A 184 -16.49 -16.77 11.29
C PRO A 184 -16.70 -17.58 12.60
N GLU A 185 -16.88 -18.90 12.48
CA GLU A 185 -17.04 -19.74 13.68
C GLU A 185 -15.86 -19.62 14.62
N ALA A 186 -14.68 -19.35 14.07
CA ALA A 186 -13.51 -19.16 14.86
C ALA A 186 -13.47 -17.77 15.43
N ALA A 187 -13.82 -16.78 14.62
CA ALA A 187 -13.69 -15.39 15.05
C ALA A 187 -14.76 -15.06 16.08
N LEU A 188 -15.95 -15.67 15.93
CA LEU A 188 -17.08 -15.44 16.84
C LEU A 188 -17.14 -16.41 18.07
N TYR A 189 -16.94 -17.71 17.87
CA TYR A 189 -17.15 -18.71 18.94
C TYR A 189 -15.87 -19.40 19.43
N GLY A 190 -14.73 -18.83 19.06
CA GLY A 190 -13.43 -19.44 19.32
C GLY A 190 -13.22 -20.84 18.79
N ARG A 191 -14.01 -21.29 17.81
CA ARG A 191 -13.88 -22.68 17.31
C ARG A 191 -12.74 -22.85 16.27
N PHE A 192 -11.47 -22.85 16.67
CA PHE A 192 -10.35 -22.99 15.68
C PHE A 192 -10.00 -24.45 15.36
N THR A 193 -10.38 -24.90 14.15
CA THR A 193 -10.08 -26.26 13.65
C THR A 193 -9.22 -26.18 12.38
N ILE A 194 -8.79 -27.34 11.87
CA ILE A 194 -8.11 -27.37 10.55
C ILE A 194 -9.05 -26.85 9.44
N LYS A 195 -10.37 -26.96 9.66
CA LYS A 195 -11.34 -26.35 8.77
C LYS A 195 -11.32 -24.85 8.85
N SER A 196 -11.03 -24.27 10.01
CA SER A 196 -10.90 -22.80 10.06
C SER A 196 -9.61 -22.35 9.30
N ASP A 197 -8.56 -23.20 9.35
CA ASP A 197 -7.36 -23.02 8.50
C ASP A 197 -7.70 -23.09 7.03
N VAL A 198 -8.59 -23.99 6.61
CA VAL A 198 -8.95 -24.10 5.20
C VAL A 198 -9.62 -22.84 4.69
N TRP A 199 -10.51 -22.27 5.49
CA TRP A 199 -11.03 -20.94 5.24
C TRP A 199 -9.91 -19.95 4.93
N SER A 200 -8.91 -19.86 5.82
CA SER A 200 -7.86 -18.86 5.65
C SER A 200 -7.06 -19.16 4.40
N PHE A 201 -6.74 -20.43 4.19
CA PHE A 201 -6.07 -20.82 2.96
C PHE A 201 -6.83 -20.30 1.74
N GLY A 202 -8.16 -20.29 1.79
CA GLY A 202 -8.92 -19.70 0.71
C GLY A 202 -8.64 -18.21 0.52
N ILE A 203 -8.49 -17.48 1.63
CA ILE A 203 -8.19 -16.03 1.53
C ILE A 203 -6.75 -15.86 0.99
N LEU A 204 -5.84 -16.68 1.48
CA LEU A 204 -4.47 -16.72 0.96
C LEU A 204 -4.47 -16.85 -0.57
N LEU A 205 -5.39 -17.65 -1.13
CA LEU A 205 -5.47 -17.78 -2.58
C LEU A 205 -5.81 -16.45 -3.31
N THR A 206 -6.46 -15.51 -2.62
CA THR A 206 -6.76 -14.18 -3.17
CA THR A 206 -6.77 -14.17 -3.16
C THR A 206 -5.55 -13.26 -3.06
N GLU A 207 -4.73 -13.45 -2.03
CA GLU A 207 -3.47 -12.73 -1.88
C GLU A 207 -2.51 -13.09 -3.01
N LEU A 208 -2.43 -14.38 -3.33
CA LEU A 208 -1.62 -14.86 -4.46
C LEU A 208 -2.07 -14.33 -5.81
N THR A 209 -3.37 -14.13 -6.01
CA THR A 209 -3.90 -13.70 -7.32
C THR A 209 -4.10 -12.17 -7.48
N THR A 210 -3.89 -11.41 -6.41
CA THR A 210 -4.03 -9.93 -6.48
C THR A 210 -2.69 -9.33 -6.08
N LYS A 211 -1.60 -10.05 -6.29
CA LYS A 211 -0.28 -9.53 -5.93
C LYS A 211 -0.24 -9.02 -4.48
N GLY A 212 -0.91 -9.71 -3.58
CA GLY A 212 -0.80 -9.42 -2.17
C GLY A 212 -1.53 -8.22 -1.66
N ARG A 213 -2.52 -7.72 -2.41
CA ARG A 213 -3.49 -6.77 -1.89
C ARG A 213 -4.30 -7.34 -0.73
N VAL A 214 -4.82 -6.42 0.11
CA VAL A 214 -5.53 -6.76 1.35
C VAL A 214 -6.86 -7.31 0.94
N PRO A 215 -7.23 -8.49 1.45
CA PRO A 215 -8.56 -8.98 1.10
C PRO A 215 -9.70 -8.06 1.56
N TYR A 216 -10.81 -8.08 0.85
CA TYR A 216 -12.02 -7.26 1.17
C TYR A 216 -11.78 -5.77 0.90
N PRO A 217 -11.27 -5.46 -0.31
CA PRO A 217 -10.83 -4.10 -0.59
C PRO A 217 -11.92 -3.05 -0.30
N GLY A 218 -11.61 -2.14 0.62
CA GLY A 218 -12.53 -1.10 1.02
C GLY A 218 -13.34 -1.34 2.30
N MET A 219 -13.50 -2.61 2.69
CA MET A 219 -14.28 -2.94 3.84
C MET A 219 -13.40 -2.99 5.07
N VAL A 220 -13.87 -2.39 6.16
CA VAL A 220 -13.19 -2.49 7.47
C VAL A 220 -13.64 -3.78 8.15
N ASN A 221 -12.99 -4.18 9.24
CA ASN A 221 -13.23 -5.48 9.90
C ASN A 221 -14.68 -5.76 10.30
N ARG A 222 -15.30 -4.83 11.04
CA ARG A 222 -16.70 -4.99 11.51
C ARG A 222 -17.70 -5.20 10.36
N GLU A 223 -17.42 -4.55 9.25
CA GLU A 223 -18.25 -4.66 8.05
C GLU A 223 -18.03 -6.01 7.32
N VAL A 224 -16.84 -6.59 7.47
CA VAL A 224 -16.51 -7.87 6.85
C VAL A 224 -17.26 -9.04 7.56
N LEU A 225 -17.26 -9.03 8.89
CA LEU A 225 -18.02 -9.99 9.70
C LEU A 225 -19.46 -9.98 9.30
N ASP A 226 -20.06 -8.79 9.23
CA ASP A 226 -21.49 -8.74 8.89
C ASP A 226 -21.74 -9.32 7.50
N GLN A 227 -21.08 -8.75 6.50
CA GLN A 227 -21.19 -9.22 5.12
C GLN A 227 -20.97 -10.74 4.96
N VAL A 228 -19.85 -11.26 5.48
CA VAL A 228 -19.51 -12.68 5.36
C VAL A 228 -20.62 -13.54 5.93
N GLU A 229 -20.99 -13.23 7.16
CA GLU A 229 -22.09 -13.91 7.85
C GLU A 229 -23.39 -13.92 7.07
N ARG A 230 -23.65 -12.85 6.32
CA ARG A 230 -24.83 -12.78 5.50
C ARG A 230 -24.60 -13.29 4.07
N GLY A 231 -23.52 -14.05 3.86
CA GLY A 231 -23.31 -14.82 2.63
C GLY A 231 -22.32 -14.26 1.63
N TYR A 232 -21.89 -13.01 1.80
CA TYR A 232 -20.89 -12.39 0.94
C TYR A 232 -19.53 -13.11 0.94
N ARG A 233 -19.07 -13.35 -0.28
CA ARG A 233 -17.76 -13.92 -0.57
C ARG A 233 -17.10 -13.07 -1.66
N MET A 234 -15.78 -12.97 -1.65
CA MET A 234 -15.06 -12.15 -2.65
C MET A 234 -15.30 -12.66 -4.06
N PRO A 235 -15.39 -11.76 -5.04
CA PRO A 235 -15.61 -12.24 -6.40
C PRO A 235 -14.32 -12.79 -6.99
N CYS A 236 -14.49 -13.45 -8.12
CA CYS A 236 -13.36 -13.93 -8.87
C CYS A 236 -12.43 -12.76 -9.27
N PRO A 237 -11.20 -12.70 -8.70
CA PRO A 237 -10.27 -11.63 -9.05
C PRO A 237 -9.95 -11.57 -10.55
N PRO A 238 -9.79 -10.36 -11.13
CA PRO A 238 -9.54 -10.25 -12.57
C PRO A 238 -8.47 -11.20 -13.10
N GLU A 239 -8.79 -11.86 -14.22
CA GLU A 239 -7.95 -12.84 -14.88
C GLU A 239 -7.71 -14.11 -14.04
N CYS A 240 -8.43 -14.30 -12.94
CA CYS A 240 -8.31 -15.53 -12.18
C CYS A 240 -9.22 -16.57 -12.81
N PRO A 241 -8.76 -17.83 -13.02
CA PRO A 241 -9.72 -18.76 -13.61
C PRO A 241 -10.86 -19.10 -12.66
N GLU A 242 -12.05 -19.24 -13.23
CA GLU A 242 -13.26 -19.45 -12.45
C GLU A 242 -13.17 -20.74 -11.59
N SER A 243 -12.54 -21.78 -12.13
CA SER A 243 -12.24 -23.01 -11.39
C SER A 243 -11.42 -22.82 -10.12
N LEU A 244 -10.53 -21.82 -10.16
CA LEU A 244 -9.76 -21.46 -8.96
C LEU A 244 -10.61 -20.62 -7.98
N HIS A 245 -11.50 -19.75 -8.49
CA HIS A 245 -12.44 -19.02 -7.61
C HIS A 245 -13.47 -19.98 -6.98
N ASP A 246 -13.87 -21.05 -7.70
CA ASP A 246 -14.76 -22.10 -7.15
C ASP A 246 -14.09 -22.77 -5.98
N LEU A 247 -12.79 -22.99 -6.10
CA LEU A 247 -12.02 -23.61 -5.04
C LEU A 247 -12.01 -22.70 -3.83
N MET A 248 -11.71 -21.42 -4.04
CA MET A 248 -11.76 -20.51 -2.92
C MET A 248 -13.13 -20.59 -2.22
N CYS A 249 -14.22 -20.59 -3.02
CA CYS A 249 -15.58 -20.67 -2.53
C CYS A 249 -15.90 -21.98 -1.77
N GLN A 250 -15.31 -23.11 -2.18
CA GLN A 250 -15.38 -24.33 -1.34
C GLN A 250 -14.73 -24.11 0.02
N CYS A 251 -13.57 -23.46 0.03
CA CYS A 251 -12.86 -23.21 1.28
C CYS A 251 -13.65 -22.29 2.17
N TRP A 252 -14.53 -21.47 1.61
CA TRP A 252 -15.30 -20.51 2.40
C TRP A 252 -16.77 -20.92 2.65
N ARG A 253 -17.04 -22.21 2.81
CA ARG A 253 -18.41 -22.63 3.06
C ARG A 253 -18.80 -22.32 4.51
N LYS A 254 -20.00 -21.77 4.72
CA LYS A 254 -20.53 -21.56 6.08
C LYS A 254 -20.24 -22.77 6.95
N ASP A 255 -20.52 -23.98 6.44
CA ASP A 255 -20.29 -25.21 7.20
C ASP A 255 -18.82 -25.67 7.19
N PRO A 256 -18.13 -25.58 8.34
CA PRO A 256 -16.76 -26.08 8.42
C PRO A 256 -16.50 -27.39 7.69
N GLU A 257 -17.38 -28.37 7.90
CA GLU A 257 -17.17 -29.74 7.42
C GLU A 257 -17.35 -29.93 5.92
N GLU A 258 -17.98 -28.96 5.24
CA GLU A 258 -18.11 -29.03 3.78
C GLU A 258 -16.99 -28.27 3.06
N ARG A 259 -16.03 -27.73 3.82
CA ARG A 259 -14.79 -27.24 3.25
C ARG A 259 -13.89 -28.43 2.96
N PRO A 260 -13.12 -28.36 1.87
CA PRO A 260 -12.24 -29.47 1.57
C PRO A 260 -11.07 -29.66 2.57
N THR A 261 -10.42 -30.81 2.47
CA THR A 261 -9.16 -31.10 3.16
C THR A 261 -7.95 -30.44 2.45
N PHE A 262 -6.85 -30.31 3.17
CA PHE A 262 -5.58 -29.86 2.58
C PHE A 262 -5.00 -30.94 1.64
N GLU A 263 -5.23 -32.21 1.96
CA GLU A 263 -4.92 -33.35 1.07
C GLU A 263 -5.66 -33.20 -0.29
N TYR A 264 -6.93 -32.85 -0.25
CA TYR A 264 -7.66 -32.58 -1.48
C TYR A 264 -7.10 -31.37 -2.25
N LEU A 265 -6.77 -30.30 -1.52
CA LEU A 265 -6.34 -29.01 -2.13
C LEU A 265 -4.97 -29.13 -2.77
N GLN A 266 -4.04 -29.68 -1.99
CA GLN A 266 -2.74 -30.08 -2.49
C GLN A 266 -2.88 -30.79 -3.83
N ALA A 267 -3.53 -31.95 -3.80
CA ALA A 267 -3.71 -32.77 -4.99
C ALA A 267 -4.36 -31.97 -6.14
N PHE A 268 -5.35 -31.14 -5.81
CA PHE A 268 -6.00 -30.31 -6.84
C PHE A 268 -5.03 -29.29 -7.46
N LEU A 269 -4.35 -28.53 -6.58
CA LEU A 269 -3.39 -27.50 -7.05
C LEU A 269 -2.23 -28.14 -7.78
N GLU A 270 -1.74 -29.27 -7.30
CA GLU A 270 -0.65 -29.96 -8.00
C GLU A 270 -1.01 -30.29 -9.44
N ASP A 271 -2.19 -30.84 -9.67
CA ASP A 271 -2.61 -31.20 -11.04
C ASP A 271 -3.39 -30.10 -11.80
N TYR A 272 -3.51 -28.91 -11.22
CA TYR A 272 -4.31 -27.82 -11.82
C TYR A 272 -4.28 -27.77 -13.33
N PHE A 273 -3.07 -27.68 -13.91
CA PHE A 273 -2.95 -27.38 -15.35
C PHE A 273 -3.10 -28.56 -16.31
N THR A 274 -3.19 -29.77 -15.81
CA THR A 274 -3.61 -30.89 -16.66
C THR A 274 -5.11 -31.12 -16.46
N SER A 275 -5.51 -31.36 -15.22
CA SER A 275 -6.83 -31.89 -14.90
C SER A 275 -8.01 -30.89 -14.88
N THR A 276 -7.72 -29.61 -14.71
CA THR A 276 -8.74 -28.60 -14.45
C THR A 276 -8.72 -27.45 -15.46
N GLU A 277 -7.52 -26.99 -15.79
CA GLU A 277 -7.37 -25.85 -16.64
C GLU A 277 -6.22 -26.10 -17.65
N PRO A 278 -6.37 -27.17 -18.49
CA PRO A 278 -5.44 -27.39 -19.61
C PRO A 278 -5.49 -26.32 -20.68
N GLN A 279 -6.58 -25.55 -20.73
CA GLN A 279 -6.70 -24.46 -21.70
C GLN A 279 -5.88 -23.21 -21.35
N TYR A 280 -5.46 -23.11 -20.08
CA TYR A 280 -4.80 -21.91 -19.56
C TYR A 280 -3.92 -21.20 -20.59
N GLN A 281 -4.21 -19.91 -20.82
CA GLN A 281 -3.34 -19.01 -21.57
C GLN A 281 -2.84 -17.88 -20.67
N PRO A 282 -1.55 -17.51 -20.78
CA PRO A 282 -1.06 -16.37 -19.99
C PRO A 282 -1.69 -15.06 -20.43
N GLY A 283 -1.80 -14.13 -19.49
CA GLY A 283 -2.41 -12.81 -19.73
C GLY A 283 -1.52 -11.70 -19.24
N GLU A 284 -2.12 -10.55 -19.01
CA GLU A 284 -1.38 -9.37 -18.65
C GLU A 284 -0.88 -9.43 -17.19
N ASN A 285 -1.70 -9.92 -16.26
CA ASN A 285 -1.31 -10.03 -14.85
C ASN A 285 -1.35 -11.40 -14.22
N LEU A 286 -2.06 -12.35 -14.86
CA LEU A 286 -2.08 -13.77 -14.49
C LEU A 286 -2.13 -14.67 -15.76
N LEU B 8 -15.31 32.35 -32.00
CA LEU B 8 -15.20 31.44 -33.18
C LEU B 8 -15.69 30.00 -32.83
N ALA B 9 -14.83 28.97 -32.94
CA ALA B 9 -15.28 27.57 -33.03
C ALA B 9 -15.43 26.93 -31.65
N LYS B 10 -16.51 27.33 -30.97
CA LYS B 10 -16.75 26.97 -29.56
C LYS B 10 -17.17 25.51 -29.38
N ASP B 11 -16.68 24.88 -28.31
CA ASP B 11 -17.12 23.55 -27.93
C ASP B 11 -18.28 23.64 -26.93
N ALA B 12 -18.84 22.48 -26.64
CA ALA B 12 -19.94 22.34 -25.69
C ALA B 12 -19.63 22.77 -24.24
N TRP B 13 -18.35 22.88 -23.88
CA TRP B 13 -17.96 23.38 -22.54
C TRP B 13 -18.30 24.86 -22.34
N GLU B 14 -18.39 25.63 -23.45
CA GLU B 14 -18.75 27.04 -23.41
C GLU B 14 -20.11 27.28 -22.77
N ILE B 15 -20.25 28.39 -22.03
CA ILE B 15 -21.53 28.80 -21.40
C ILE B 15 -21.74 30.33 -21.44
N PRO B 16 -22.97 30.80 -21.17
CA PRO B 16 -23.18 32.25 -21.08
C PRO B 16 -22.66 32.85 -19.79
N ARG B 17 -22.52 34.18 -19.81
CA ARG B 17 -22.21 34.94 -18.62
C ARG B 17 -23.60 34.98 -17.95
N GLU B 18 -23.89 35.94 -17.08
CA GLU B 18 -25.21 36.00 -16.40
C GLU B 18 -25.57 34.78 -15.52
N SER B 19 -25.29 33.56 -16.00
CA SER B 19 -25.42 32.33 -15.19
C SER B 19 -24.40 32.17 -14.03
N LEU B 20 -23.44 33.09 -13.88
CA LEU B 20 -22.46 33.04 -12.79
C LEU B 20 -22.60 34.19 -11.77
N ARG B 21 -23.02 33.87 -10.55
CA ARG B 21 -22.92 34.80 -9.40
C ARG B 21 -21.62 34.47 -8.64
N LEU B 22 -20.75 35.47 -8.46
CA LEU B 22 -19.44 35.33 -7.81
C LEU B 22 -19.50 35.91 -6.40
N GLU B 23 -19.93 35.11 -5.44
CA GLU B 23 -20.16 35.59 -4.06
C GLU B 23 -18.88 35.93 -3.28
N VAL B 24 -18.08 34.90 -2.95
CA VAL B 24 -16.95 35.03 -2.02
C VAL B 24 -15.62 34.95 -2.78
N LYS B 25 -14.66 35.81 -2.43
CA LYS B 25 -13.35 35.88 -3.09
C LYS B 25 -12.28 35.08 -2.32
N LEU B 26 -11.77 34.02 -2.95
CA LEU B 26 -10.87 33.07 -2.29
C LEU B 26 -9.39 33.34 -2.57
N GLY B 27 -9.05 33.48 -3.85
CA GLY B 27 -7.65 33.65 -4.29
C GLY B 27 -7.40 34.89 -5.15
N GLN B 28 -6.12 35.19 -5.37
CA GLN B 28 -5.66 36.28 -6.27
C GLN B 28 -4.13 36.22 -6.48
N GLY B 29 -3.62 36.98 -7.45
CA GLY B 29 -2.17 37.11 -7.67
C GLY B 29 -1.85 37.79 -8.99
N CYS B 30 -0.76 37.36 -9.63
CA CYS B 30 -0.44 37.80 -10.99
C CYS B 30 -1.45 37.27 -12.01
N PHE B 31 -1.74 35.97 -11.93
CA PHE B 31 -2.61 35.26 -12.89
C PHE B 31 -4.07 35.72 -12.95
N GLY B 32 -4.63 36.07 -11.78
CA GLY B 32 -6.04 36.46 -11.65
C GLY B 32 -6.64 35.89 -10.37
N GLU B 33 -7.91 36.23 -10.14
CA GLU B 33 -8.65 35.82 -8.94
C GLU B 33 -9.28 34.42 -9.09
N CYS B 34 -9.75 33.86 -7.98
CA CYS B 34 -10.67 32.72 -8.01
C CYS B 34 -11.68 32.87 -6.87
N TRP B 35 -12.94 32.51 -7.14
CA TRP B 35 -14.09 32.79 -6.26
C TRP B 35 -14.95 31.55 -6.03
N MET B 36 -15.78 31.60 -4.98
CA MET B 36 -16.94 30.71 -4.86
C MET B 36 -18.14 31.39 -5.50
N GLY B 37 -18.94 30.63 -6.24
CA GLY B 37 -20.12 31.18 -6.89
C GLY B 37 -21.31 30.24 -6.99
N THR B 38 -22.22 30.59 -7.90
CA THR B 38 -23.35 29.72 -8.26
C THR B 38 -23.47 29.65 -9.78
N TRP B 39 -24.05 28.56 -10.27
CA TRP B 39 -24.22 28.35 -11.72
C TRP B 39 -25.68 27.99 -12.04
N ASN B 40 -26.33 28.82 -12.86
CA ASN B 40 -27.78 28.74 -13.12
C ASN B 40 -28.60 28.78 -11.83
N GLY B 41 -28.27 29.72 -10.94
CA GLY B 41 -29.06 29.96 -9.73
C GLY B 41 -28.94 28.97 -8.58
N THR B 42 -28.83 27.66 -8.88
CA THR B 42 -28.84 26.62 -7.85
C THR B 42 -27.44 26.10 -7.46
N THR B 43 -26.73 25.51 -8.44
CA THR B 43 -25.53 24.69 -8.16
C THR B 43 -24.27 25.49 -7.77
N ARG B 44 -23.70 25.11 -6.62
CA ARG B 44 -22.50 25.72 -6.02
C ARG B 44 -21.26 25.37 -6.85
N VAL B 45 -20.51 26.40 -7.24
CA VAL B 45 -19.30 26.22 -8.04
C VAL B 45 -18.14 27.05 -7.50
N ALA B 46 -16.96 26.72 -8.00
CA ALA B 46 -15.76 27.51 -7.85
C ALA B 46 -15.42 28.05 -9.22
N ILE B 47 -14.90 29.28 -9.25
CA ILE B 47 -14.64 29.99 -10.50
C ILE B 47 -13.26 30.64 -10.44
N LYS B 48 -12.52 30.59 -11.55
CA LYS B 48 -11.16 31.16 -11.62
C LYS B 48 -11.06 32.10 -12.81
N THR B 49 -10.54 33.31 -12.55
CA THR B 49 -10.61 34.46 -13.45
C THR B 49 -9.23 34.83 -14.04
N LEU B 50 -9.24 35.74 -15.00
CA LEU B 50 -8.04 36.20 -15.70
C LEU B 50 -7.89 37.72 -15.68
N LYS B 51 -6.76 38.19 -15.16
CA LYS B 51 -6.27 39.55 -15.41
C LYS B 51 -5.64 39.57 -16.82
N PRO B 52 -6.21 40.34 -17.77
CA PRO B 52 -5.68 40.31 -19.15
C PRO B 52 -4.28 40.93 -19.32
N GLY B 53 -3.86 41.78 -18.38
CA GLY B 53 -2.54 42.44 -18.41
C GLY B 53 -1.33 41.53 -18.34
N THR B 54 -1.19 40.80 -17.23
CA THR B 54 0.00 39.94 -17.02
C THR B 54 -0.01 38.68 -17.90
N MET B 55 -1.03 37.83 -17.72
CA MET B 55 -1.13 36.57 -18.48
C MET B 55 -1.86 36.81 -19.80
N SER B 56 -1.35 36.18 -20.86
CA SER B 56 -1.90 36.38 -22.21
C SER B 56 -3.17 35.52 -22.37
N PRO B 57 -4.04 35.88 -23.36
CA PRO B 57 -5.31 35.15 -23.57
C PRO B 57 -5.16 33.66 -23.93
N GLU B 58 -4.29 33.35 -24.88
CA GLU B 58 -3.99 31.96 -25.26
C GLU B 58 -3.13 31.21 -24.22
N ALA B 59 -2.44 31.95 -23.34
CA ALA B 59 -1.66 31.35 -22.24
C ALA B 59 -2.55 30.81 -21.12
N PHE B 60 -3.47 31.64 -20.63
CA PHE B 60 -4.37 31.27 -19.51
C PHE B 60 -5.31 30.10 -19.85
N LEU B 61 -5.75 30.02 -21.11
CA LEU B 61 -6.60 28.93 -21.63
C LEU B 61 -5.99 27.54 -21.50
N GLN B 62 -4.75 27.38 -21.93
CA GLN B 62 -4.15 26.04 -22.02
C GLN B 62 -4.31 25.03 -20.86
N GLU B 63 -4.47 25.45 -19.61
CA GLU B 63 -4.74 24.52 -18.47
C GLU B 63 -6.18 23.96 -18.51
N ALA B 64 -7.08 24.74 -19.09
CA ALA B 64 -8.46 24.38 -19.25
C ALA B 64 -8.67 23.36 -20.37
N GLN B 65 -7.86 23.43 -21.43
CA GLN B 65 -7.85 22.39 -22.48
C GLN B 65 -7.50 21.05 -21.87
N VAL B 66 -6.61 21.09 -20.87
CA VAL B 66 -6.12 19.91 -20.15
C VAL B 66 -7.18 19.33 -19.21
N MET B 67 -7.93 20.20 -18.54
CA MET B 67 -9.05 19.79 -17.66
C MET B 67 -10.28 19.31 -18.43
N LYS B 68 -10.32 19.55 -19.74
CA LYS B 68 -11.33 18.93 -20.62
C LYS B 68 -11.05 17.47 -20.89
N LYS B 69 -9.81 17.17 -21.21
CA LYS B 69 -9.44 15.82 -21.59
C LYS B 69 -9.25 14.84 -20.40
N LEU B 70 -9.39 15.32 -19.15
CA LEU B 70 -9.26 14.48 -17.93
C LEU B 70 -10.54 14.46 -17.07
N ARG B 71 -10.86 13.30 -16.49
CA ARG B 71 -12.03 13.10 -15.63
C ARG B 71 -11.81 11.93 -14.64
N HIS B 72 -11.83 12.23 -13.34
CA HIS B 72 -11.55 11.23 -12.29
C HIS B 72 -12.03 11.74 -10.93
N GLU B 73 -12.50 10.82 -10.10
CA GLU B 73 -13.05 11.20 -8.79
C GLU B 73 -12.06 12.02 -7.90
N LYS B 74 -10.76 11.95 -8.18
CA LYS B 74 -9.72 12.67 -7.44
C LYS B 74 -9.02 13.80 -8.19
N LEU B 75 -9.48 14.18 -9.38
CA LEU B 75 -9.10 15.49 -9.92
C LEU B 75 -10.31 16.40 -9.91
N VAL B 76 -10.07 17.63 -9.48
CA VAL B 76 -11.08 18.67 -9.42
C VAL B 76 -11.73 18.75 -10.78
N GLN B 77 -13.06 18.72 -10.82
CA GLN B 77 -13.84 18.56 -12.05
C GLN B 77 -14.21 19.88 -12.76
N LEU B 78 -13.92 19.96 -14.05
CA LEU B 78 -14.36 21.07 -14.90
C LEU B 78 -15.87 20.99 -15.11
N TYR B 79 -16.51 22.15 -15.06
CA TYR B 79 -17.96 22.28 -15.31
C TYR B 79 -18.29 23.10 -16.58
N ALA B 80 -17.63 24.24 -16.75
CA ALA B 80 -17.89 25.12 -17.89
C ALA B 80 -16.75 26.12 -18.06
N VAL B 81 -16.75 26.79 -19.21
CA VAL B 81 -15.74 27.79 -19.56
C VAL B 81 -16.36 29.02 -20.22
N VAL B 82 -15.81 30.20 -19.94
CA VAL B 82 -16.14 31.41 -20.69
C VAL B 82 -14.86 31.88 -21.36
N SER B 83 -14.69 31.52 -22.64
CA SER B 83 -13.43 31.74 -23.37
C SER B 83 -13.30 33.11 -24.07
N GLU B 84 -14.17 34.06 -23.73
CA GLU B 84 -14.05 35.47 -24.15
C GLU B 84 -13.51 36.28 -22.98
N GLU B 85 -12.61 37.23 -23.25
CA GLU B 85 -12.02 38.05 -22.19
C GLU B 85 -13.10 38.89 -21.47
N PRO B 86 -13.04 39.07 -20.14
CA PRO B 86 -12.14 38.32 -19.24
C PRO B 86 -12.59 36.84 -19.13
N ILE B 87 -11.65 35.92 -19.23
CA ILE B 87 -11.99 34.49 -19.25
C ILE B 87 -12.35 33.99 -17.85
N TYR B 88 -13.31 33.07 -17.77
CA TYR B 88 -13.72 32.40 -16.52
C TYR B 88 -13.63 30.89 -16.71
N ILE B 89 -13.14 30.19 -15.69
CA ILE B 89 -13.11 28.72 -15.66
C ILE B 89 -13.87 28.20 -14.44
N VAL B 90 -14.80 27.27 -14.66
CA VAL B 90 -15.79 26.87 -13.67
C VAL B 90 -15.61 25.40 -13.28
N THR B 91 -15.51 25.13 -11.99
CA THR B 91 -15.27 23.77 -11.49
C THR B 91 -16.10 23.51 -10.25
N GLU B 92 -16.09 22.27 -9.78
CA GLU B 92 -16.73 21.93 -8.49
C GLU B 92 -16.10 22.74 -7.37
N TYR B 93 -16.82 22.94 -6.28
CA TYR B 93 -16.31 23.71 -5.14
C TYR B 93 -15.82 22.76 -4.04
N MET B 94 -14.58 22.96 -3.64
CA MET B 94 -13.95 22.13 -2.61
C MET B 94 -14.05 22.91 -1.33
N SER B 95 -14.88 22.41 -0.42
CA SER B 95 -15.29 23.19 0.75
C SER B 95 -14.12 23.64 1.65
N LYS B 96 -13.13 22.76 1.86
CA LYS B 96 -12.12 22.96 2.92
C LYS B 96 -10.78 23.54 2.50
N GLY B 97 -10.71 24.13 1.30
CA GLY B 97 -9.56 24.91 0.86
C GLY B 97 -8.33 24.09 0.48
N SER B 98 -7.20 24.77 0.35
CA SER B 98 -5.96 24.13 -0.02
C SER B 98 -5.48 23.20 1.11
N LEU B 99 -4.78 22.15 0.70
CA LEU B 99 -4.33 21.12 1.63
C LEU B 99 -3.26 21.70 2.54
N LEU B 100 -2.49 22.63 1.99
CA LEU B 100 -1.45 23.34 2.75
C LEU B 100 -2.04 24.16 3.89
N ASP B 101 -3.09 24.96 3.64
CA ASP B 101 -3.78 25.70 4.73
C ASP B 101 -4.36 24.78 5.77
N PHE B 102 -4.87 23.66 5.32
CA PHE B 102 -5.55 22.72 6.18
C PHE B 102 -4.60 22.08 7.16
N LEU B 103 -3.43 21.66 6.66
CA LEU B 103 -2.38 21.10 7.52
C LEU B 103 -1.77 22.14 8.47
N LYS B 104 -1.64 23.38 8.02
CA LYS B 104 -0.97 24.43 8.80
C LYS B 104 -1.87 24.88 9.94
N GLY B 105 -3.15 25.07 9.61
CA GLY B 105 -4.12 25.68 10.50
C GLY B 105 -4.67 24.82 11.62
N GLU B 106 -5.65 25.38 12.34
CA GLU B 106 -6.19 24.76 13.57
C GLU B 106 -6.93 23.45 13.30
N MET B 107 -7.30 23.22 12.06
CA MET B 107 -7.91 21.96 11.62
C MET B 107 -7.01 20.74 11.53
N GLY B 108 -5.74 20.99 11.24
CA GLY B 108 -4.78 19.94 10.96
C GLY B 108 -3.88 19.53 12.10
N LYS B 109 -3.99 20.18 13.26
CA LYS B 109 -3.14 19.86 14.39
C LYS B 109 -3.59 18.54 14.98
N TYR B 110 -4.86 18.17 14.72
CA TYR B 110 -5.41 16.91 15.19
C TYR B 110 -5.37 15.75 14.16
N LEU B 111 -4.78 15.95 12.98
CA LEU B 111 -4.61 14.86 11.98
C LEU B 111 -3.51 13.90 12.42
N ARG B 112 -3.77 12.60 12.36
CA ARG B 112 -2.74 11.60 12.66
C ARG B 112 -2.44 10.79 11.41
N LEU B 113 -1.51 9.86 11.55
CA LEU B 113 -1.07 9.06 10.41
C LEU B 113 -2.18 8.38 9.62
N PRO B 114 -3.20 7.80 10.30
CA PRO B 114 -4.19 7.08 9.50
C PRO B 114 -4.95 7.94 8.50
N GLN B 115 -5.31 9.17 8.85
CA GLN B 115 -6.02 10.10 7.94
C GLN B 115 -5.04 10.72 6.93
N LEU B 116 -3.84 11.02 7.42
CA LEU B 116 -2.81 11.60 6.56
C LEU B 116 -2.42 10.61 5.45
N VAL B 117 -2.29 9.33 5.78
CA VAL B 117 -1.97 8.31 4.78
C VAL B 117 -3.14 8.09 3.83
N ASP B 118 -4.36 8.13 4.34
CA ASP B 118 -5.53 8.02 3.47
C ASP B 118 -5.57 9.14 2.43
N MET B 119 -5.15 10.33 2.82
CA MET B 119 -5.14 11.49 1.93
C MET B 119 -4.10 11.26 0.87
N ALA B 120 -2.96 10.76 1.29
CA ALA B 120 -1.87 10.47 0.39
C ALA B 120 -2.31 9.44 -0.62
N ALA B 121 -3.09 8.45 -0.17
CA ALA B 121 -3.58 7.41 -1.07
C ALA B 121 -4.56 7.95 -2.13
N GLN B 122 -5.30 8.98 -1.79
CA GLN B 122 -6.27 9.56 -2.73
C GLN B 122 -5.62 10.38 -3.82
N ILE B 123 -4.62 11.16 -3.43
CA ILE B 123 -3.84 11.90 -4.38
C ILE B 123 -3.08 10.89 -5.26
N ALA B 124 -2.55 9.85 -4.66
CA ALA B 124 -1.88 8.79 -5.39
C ALA B 124 -2.82 8.13 -6.42
N SER B 125 -4.08 7.91 -6.06
CA SER B 125 -5.11 7.47 -7.03
C SER B 125 -5.23 8.43 -8.19
N GLY B 126 -5.45 9.70 -7.90
CA GLY B 126 -5.62 10.69 -8.95
C GLY B 126 -4.40 10.78 -9.85
N MET B 127 -3.23 10.70 -9.25
CA MET B 127 -2.01 10.73 -10.04
C MET B 127 -1.82 9.43 -10.85
N ALA B 128 -2.25 8.30 -10.31
CA ALA B 128 -2.18 7.04 -11.07
C ALA B 128 -3.08 7.11 -12.28
N TYR B 129 -4.12 7.92 -12.21
CA TYR B 129 -4.95 8.20 -13.39
C TYR B 129 -4.18 9.06 -14.41
N VAL B 130 -3.54 10.11 -13.94
CA VAL B 130 -2.68 10.95 -14.78
C VAL B 130 -1.59 10.08 -15.44
N GLU B 131 -1.04 9.17 -14.66
CA GLU B 131 -0.06 8.20 -15.13
C GLU B 131 -0.65 7.40 -16.30
N ARG B 132 -1.81 6.78 -16.10
CA ARG B 132 -2.47 5.95 -17.14
C ARG B 132 -2.76 6.73 -18.41
N MET B 133 -3.04 8.01 -18.26
CA MET B 133 -3.42 8.85 -19.37
C MET B 133 -2.24 9.55 -20.03
N ASN B 134 -1.03 9.24 -19.60
CA ASN B 134 0.16 9.81 -20.20
C ASN B 134 0.19 11.36 -20.19
N TYR B 135 -0.16 11.93 -19.04
CA TYR B 135 0.13 13.33 -18.80
C TYR B 135 1.18 13.45 -17.70
N VAL B 136 1.65 14.68 -17.54
CA VAL B 136 2.57 15.04 -16.50
C VAL B 136 2.03 16.30 -15.83
N HIS B 137 2.08 16.33 -14.51
CA HIS B 137 1.50 17.43 -13.76
C HIS B 137 2.42 18.66 -13.66
N ARG B 138 3.65 18.42 -13.21
CA ARG B 138 4.74 19.44 -13.09
C ARG B 138 4.75 20.25 -11.80
N ASP B 139 3.60 20.41 -11.16
CA ASP B 139 3.51 21.25 -9.97
C ASP B 139 2.78 20.56 -8.80
N LEU B 140 3.10 19.27 -8.59
CA LEU B 140 2.43 18.47 -7.61
C LEU B 140 3.04 18.78 -6.26
N ARG B 141 2.23 19.44 -5.43
CA ARG B 141 2.56 19.76 -4.05
C ARG B 141 1.30 20.15 -3.28
N ALA B 142 1.42 20.17 -1.97
CA ALA B 142 0.27 20.36 -1.12
C ALA B 142 -0.51 21.64 -1.35
N ALA B 143 0.10 22.70 -1.83
CA ALA B 143 -0.68 23.96 -2.08
C ALA B 143 -1.60 23.88 -3.30
N ASN B 144 -1.36 22.90 -4.18
CA ASN B 144 -2.22 22.61 -5.34
C ASN B 144 -3.01 21.30 -5.18
N ILE B 145 -3.25 20.89 -3.94
CA ILE B 145 -4.24 19.87 -3.62
C ILE B 145 -5.36 20.55 -2.84
N LEU B 146 -6.60 20.30 -3.26
CA LEU B 146 -7.80 20.90 -2.65
C LEU B 146 -8.49 19.84 -1.81
N VAL B 147 -8.97 20.24 -0.63
CA VAL B 147 -9.61 19.30 0.30
C VAL B 147 -11.08 19.61 0.34
N GLY B 148 -11.89 18.56 0.44
CA GLY B 148 -13.36 18.66 0.40
C GLY B 148 -13.97 18.06 1.63
N GLU B 149 -15.28 17.80 1.56
CA GLU B 149 -16.01 17.26 2.70
C GLU B 149 -15.55 15.84 2.89
N ASN B 150 -15.39 15.44 4.14
CA ASN B 150 -15.01 14.06 4.50
C ASN B 150 -13.53 13.78 4.18
N LEU B 151 -12.70 14.84 4.15
CA LEU B 151 -11.27 14.76 3.84
C LEU B 151 -10.95 14.13 2.47
N VAL B 152 -11.84 14.37 1.51
CA VAL B 152 -11.58 14.05 0.13
C VAL B 152 -10.53 15.04 -0.35
N CYS B 153 -9.45 14.51 -0.95
CA CYS B 153 -8.37 15.32 -1.53
C CYS B 153 -8.32 15.14 -3.02
N LYS B 154 -8.15 16.24 -3.72
CA LYS B 154 -8.15 16.23 -5.15
C LYS B 154 -7.05 17.14 -5.71
N VAL B 155 -6.56 16.77 -6.89
CA VAL B 155 -5.50 17.48 -7.60
C VAL B 155 -6.07 18.65 -8.39
N ALA B 156 -5.37 19.79 -8.36
CA ALA B 156 -6.01 21.10 -8.64
C ALA B 156 -5.43 22.03 -9.69
N ASP B 157 -4.12 22.06 -9.87
CA ASP B 157 -3.52 23.02 -10.80
C ASP B 157 -3.23 22.28 -12.07
N PHE B 158 -3.40 22.94 -13.22
CA PHE B 158 -2.98 22.31 -14.47
C PHE B 158 -2.22 23.19 -15.47
N GLY B 159 -1.90 24.45 -15.12
CA GLY B 159 -1.14 25.37 -16.00
C GLY B 159 0.35 25.20 -15.93
N PRO B 178 10.34 26.80 -7.82
CA PRO B 178 9.66 25.77 -7.06
C PRO B 178 10.57 24.54 -6.93
N ILE B 179 11.84 24.79 -6.68
CA ILE B 179 12.90 23.78 -6.78
C ILE B 179 12.83 22.74 -5.66
N LYS B 180 12.26 23.11 -4.52
CA LYS B 180 12.15 22.18 -3.36
C LYS B 180 11.23 20.98 -3.60
N TRP B 181 10.35 21.11 -4.60
CA TRP B 181 9.43 20.06 -5.01
C TRP B 181 9.72 19.42 -6.39
N THR B 182 10.60 20.01 -7.18
CA THR B 182 10.89 19.54 -8.51
C THR B 182 12.05 18.60 -8.47
N ALA B 183 11.97 17.48 -9.19
CA ALA B 183 13.13 16.60 -9.38
C ALA B 183 14.27 17.35 -10.04
N PRO B 184 15.52 16.97 -9.76
CA PRO B 184 16.67 17.67 -10.36
C PRO B 184 16.76 17.61 -11.91
N GLU B 185 16.54 16.43 -12.51
CA GLU B 185 16.56 16.31 -13.98
C GLU B 185 15.55 17.25 -14.62
N ALA B 186 14.46 17.51 -13.92
CA ALA B 186 13.44 18.43 -14.42
C ALA B 186 13.83 19.84 -14.19
N ALA B 187 14.38 20.13 -13.01
CA ALA B 187 14.72 21.49 -12.67
C ALA B 187 15.92 21.98 -13.48
N LEU B 188 16.87 21.06 -13.75
CA LEU B 188 18.10 21.37 -14.48
C LEU B 188 17.98 21.23 -16.01
N TYR B 189 17.41 20.11 -16.48
CA TYR B 189 17.41 19.80 -17.94
C TYR B 189 16.04 19.86 -18.61
N GLY B 190 15.07 20.49 -17.94
CA GLY B 190 13.69 20.50 -18.37
C GLY B 190 13.03 19.15 -18.63
N ARG B 191 13.57 18.05 -18.10
CA ARG B 191 13.02 16.72 -18.36
C ARG B 191 11.80 16.36 -17.47
N PHE B 192 10.63 16.94 -17.72
CA PHE B 192 9.46 16.65 -16.84
C PHE B 192 8.72 15.39 -17.27
N THR B 193 8.84 14.30 -16.50
CA THR B 193 8.10 13.04 -16.72
C THR B 193 7.17 12.71 -15.53
N ILE B 194 6.38 11.64 -15.64
CA ILE B 194 5.59 11.16 -14.50
C ILE B 194 6.54 10.73 -13.35
N LYS B 195 7.77 10.34 -13.70
CA LYS B 195 8.79 10.09 -12.65
C LYS B 195 9.23 11.38 -11.97
N SER B 196 9.20 12.52 -12.65
CA SER B 196 9.48 13.77 -11.94
C SER B 196 8.32 14.14 -10.96
N ASP B 197 7.08 13.83 -11.35
CA ASP B 197 5.92 13.90 -10.45
C ASP B 197 6.04 12.98 -9.25
N VAL B 198 6.59 11.78 -9.43
CA VAL B 198 6.79 10.87 -8.29
C VAL B 198 7.74 11.43 -7.27
N TRP B 199 8.85 12.02 -7.73
CA TRP B 199 9.72 12.80 -6.85
C TRP B 199 8.92 13.78 -6.02
N SER B 200 8.08 14.62 -6.66
CA SER B 200 7.35 15.65 -5.93
C SER B 200 6.36 15.02 -4.94
N PHE B 201 5.66 14.00 -5.40
CA PHE B 201 4.80 13.26 -4.49
C PHE B 201 5.55 12.83 -3.23
N GLY B 202 6.82 12.46 -3.37
CA GLY B 202 7.64 12.15 -2.20
C GLY B 202 7.78 13.33 -1.26
N ILE B 203 7.95 14.54 -1.81
CA ILE B 203 8.10 15.75 -0.99
C ILE B 203 6.74 16.05 -0.33
N LEU B 204 5.67 15.89 -1.10
CA LEU B 204 4.32 16.02 -0.56
C LEU B 204 4.08 15.12 0.67
N LEU B 205 4.64 13.92 0.67
CA LEU B 205 4.58 13.04 1.86
C LEU B 205 5.25 13.62 3.12
N THR B 206 6.20 14.54 2.95
CA THR B 206 6.84 15.25 4.07
CA THR B 206 6.85 15.23 4.07
C THR B 206 6.01 16.43 4.55
N GLU B 207 5.29 17.08 3.62
CA GLU B 207 4.30 18.09 3.97
C GLU B 207 3.18 17.49 4.84
N LEU B 208 2.67 16.32 4.46
CA LEU B 208 1.65 15.62 5.23
C LEU B 208 2.10 15.20 6.63
N THR B 209 3.38 14.87 6.80
CA THR B 209 3.90 14.40 8.10
C THR B 209 4.57 15.47 8.99
N THR B 210 4.66 16.71 8.50
CA THR B 210 5.21 17.81 9.29
C THR B 210 4.18 18.91 9.36
N LYS B 211 2.90 18.56 9.27
CA LYS B 211 1.85 19.55 9.33
C LYS B 211 2.12 20.71 8.37
N GLY B 212 2.64 20.41 7.19
CA GLY B 212 2.72 21.41 6.13
C GLY B 212 3.83 22.43 6.22
N ARG B 213 4.83 22.13 7.02
CA ARG B 213 6.08 22.87 6.99
C ARG B 213 6.76 22.80 5.63
N VAL B 214 7.57 23.81 5.35
CA VAL B 214 8.29 23.94 4.06
C VAL B 214 9.37 22.91 4.03
N PRO B 215 9.43 22.12 2.96
CA PRO B 215 10.51 21.10 2.94
C PRO B 215 11.89 21.74 2.90
N TYR B 216 12.89 21.01 3.41
CA TYR B 216 14.29 21.47 3.48
C TYR B 216 14.49 22.59 4.53
N PRO B 217 14.00 22.36 5.75
CA PRO B 217 13.94 23.44 6.72
C PRO B 217 15.31 24.09 6.89
N GLY B 218 15.37 25.39 6.62
CA GLY B 218 16.60 26.17 6.75
C GLY B 218 17.40 26.39 5.47
N MET B 219 17.21 25.55 4.46
CA MET B 219 17.95 25.64 3.22
C MET B 219 17.22 26.48 2.21
N VAL B 220 17.92 27.38 1.54
CA VAL B 220 17.37 28.19 0.46
C VAL B 220 17.49 27.37 -0.83
N ASN B 221 16.85 27.82 -1.91
CA ASN B 221 16.78 27.02 -3.16
C ASN B 221 18.10 26.57 -3.76
N ARG B 222 19.03 27.51 -3.97
CA ARG B 222 20.36 27.21 -4.57
C ARG B 222 21.15 26.17 -3.76
N GLU B 223 20.97 26.19 -2.44
CA GLU B 223 21.61 25.24 -1.55
C GLU B 223 20.95 23.85 -1.59
N VAL B 224 19.66 23.81 -1.92
CA VAL B 224 18.91 22.55 -2.03
C VAL B 224 19.35 21.76 -3.28
N LEU B 225 19.46 22.45 -4.42
CA LEU B 225 19.97 21.85 -5.65
C LEU B 225 21.32 21.24 -5.43
N ASP B 226 22.23 21.98 -4.82
CA ASP B 226 23.57 21.42 -4.60
C ASP B 226 23.53 20.16 -3.70
N GLN B 227 22.98 20.30 -2.50
CA GLN B 227 22.81 19.18 -1.59
C GLN B 227 22.14 17.95 -2.21
N VAL B 228 20.97 18.14 -2.82
CA VAL B 228 20.21 17.01 -3.43
C VAL B 228 21.07 16.30 -4.45
N GLU B 229 21.65 17.08 -5.36
CA GLU B 229 22.54 16.56 -6.39
C GLU B 229 23.70 15.77 -5.87
N ARG B 230 24.20 16.16 -4.71
CA ARG B 230 25.25 15.43 -4.06
C ARG B 230 24.76 14.35 -3.10
N GLY B 231 23.48 13.95 -3.22
CA GLY B 231 22.93 12.76 -2.52
C GLY B 231 22.06 12.99 -1.29
N TYR B 232 22.05 14.22 -0.76
CA TYR B 232 21.20 14.58 0.37
C TYR B 232 19.68 14.38 0.11
N ARG B 233 19.04 13.73 1.06
CA ARG B 233 17.63 13.51 1.14
C ARG B 233 17.14 13.83 2.56
N MET B 234 15.91 14.30 2.70
CA MET B 234 15.38 14.65 4.04
C MET B 234 15.31 13.42 4.97
N PRO B 235 15.55 13.62 6.28
CA PRO B 235 15.50 12.48 7.18
C PRO B 235 14.07 12.11 7.50
N CYS B 236 13.92 10.96 8.14
CA CYS B 236 12.65 10.50 8.62
C CYS B 236 12.06 11.51 9.62
N PRO B 237 10.96 12.22 9.25
CA PRO B 237 10.38 13.21 10.16
C PRO B 237 9.95 12.59 11.50
N PRO B 238 10.11 13.30 12.63
CA PRO B 238 9.77 12.73 13.94
C PRO B 238 8.42 12.06 13.97
N GLU B 239 8.41 10.85 14.55
CA GLU B 239 7.23 9.99 14.66
C GLU B 239 6.69 9.48 13.32
N CYS B 240 7.43 9.64 12.24
CA CYS B 240 7.03 9.07 10.96
C CYS B 240 7.53 7.65 10.92
N PRO B 241 6.72 6.68 10.48
CA PRO B 241 7.31 5.33 10.45
C PRO B 241 8.38 5.20 9.37
N GLU B 242 9.42 4.45 9.71
CA GLU B 242 10.57 4.29 8.83
C GLU B 242 10.17 3.71 7.44
N SER B 243 9.21 2.78 7.41
CA SER B 243 8.62 2.27 6.16
C SER B 243 8.04 3.36 5.25
N LEU B 244 7.49 4.41 5.85
CA LEU B 244 6.97 5.52 5.08
C LEU B 244 8.13 6.41 4.61
N HIS B 245 9.19 6.56 5.41
CA HIS B 245 10.36 7.33 4.98
C HIS B 245 11.11 6.57 3.85
N ASP B 246 11.11 5.23 3.90
CA ASP B 246 11.71 4.41 2.85
C ASP B 246 10.98 4.66 1.55
N LEU B 247 9.67 4.81 1.63
CA LEU B 247 8.86 5.12 0.47
C LEU B 247 9.26 6.46 -0.10
N MET B 248 9.36 7.48 0.76
CA MET B 248 9.76 8.78 0.26
C MET B 248 11.09 8.65 -0.46
N CYS B 249 12.01 7.91 0.14
CA CYS B 249 13.37 7.69 -0.43
C CYS B 249 13.34 6.95 -1.77
N GLN B 250 12.43 6.01 -1.94
CA GLN B 250 12.22 5.43 -3.27
C GLN B 250 11.80 6.54 -4.27
N CYS B 251 10.88 7.41 -3.86
CA CYS B 251 10.38 8.43 -4.75
C CYS B 251 11.47 9.40 -5.10
N TRP B 252 12.52 9.48 -4.28
CA TRP B 252 13.64 10.42 -4.54
C TRP B 252 14.93 9.78 -5.05
N ARG B 253 14.83 8.74 -5.87
CA ARG B 253 16.04 8.12 -6.42
C ARG B 253 16.61 8.98 -7.56
N LYS B 254 17.94 9.16 -7.55
CA LYS B 254 18.66 9.89 -8.64
C LYS B 254 18.14 9.45 -9.99
N ASP B 255 17.98 8.13 -10.17
CA ASP B 255 17.44 7.55 -11.43
C ASP B 255 15.90 7.62 -11.54
N PRO B 256 15.36 8.51 -12.42
CA PRO B 256 13.94 8.55 -12.65
C PRO B 256 13.24 7.17 -12.67
N GLU B 257 13.80 6.23 -13.41
CA GLU B 257 13.16 4.94 -13.68
C GLU B 257 13.16 3.97 -12.49
N GLU B 258 13.97 4.22 -11.47
CA GLU B 258 13.92 3.39 -10.26
C GLU B 258 13.01 3.99 -9.18
N ARG B 259 12.32 5.09 -9.51
CA ARG B 259 11.22 5.57 -8.67
C ARG B 259 9.98 4.74 -8.95
N PRO B 260 9.15 4.48 -7.92
CA PRO B 260 7.94 3.69 -8.16
C PRO B 260 6.87 4.40 -9.02
N THR B 261 5.90 3.63 -9.47
CA THR B 261 4.70 4.13 -10.12
C THR B 261 3.70 4.68 -9.10
N PHE B 262 2.76 5.50 -9.57
CA PHE B 262 1.60 5.92 -8.75
C PHE B 262 0.63 4.76 -8.47
N GLU B 263 0.48 3.84 -9.42
CA GLU B 263 -0.24 2.56 -9.22
C GLU B 263 0.38 1.76 -8.03
N TYR B 264 1.69 1.66 -7.98
CA TYR B 264 2.34 1.04 -6.82
C TYR B 264 2.09 1.80 -5.52
N LEU B 265 2.14 3.13 -5.60
CA LEU B 265 2.08 3.98 -4.38
C LEU B 265 0.69 3.97 -3.79
N GLN B 266 -0.28 4.22 -4.67
CA GLN B 266 -1.69 4.06 -4.34
C GLN B 266 -1.90 2.76 -3.55
N ALA B 267 -1.62 1.63 -4.21
CA ALA B 267 -1.83 0.33 -3.61
C ALA B 267 -1.08 0.22 -2.28
N PHE B 268 0.13 0.74 -2.22
CA PHE B 268 0.91 0.69 -0.96
C PHE B 268 0.25 1.51 0.17
N LEU B 269 -0.07 2.75 -0.14
CA LEU B 269 -0.73 3.61 0.84
C LEU B 269 -2.10 3.06 1.24
N GLU B 270 -2.88 2.55 0.28
CA GLU B 270 -4.21 1.98 0.60
C GLU B 270 -4.10 0.87 1.63
N ASP B 271 -3.17 -0.04 1.46
CA ASP B 271 -2.98 -1.16 2.41
C ASP B 271 -2.00 -0.91 3.56
N TYR B 272 -1.46 0.31 3.66
CA TYR B 272 -0.45 0.61 4.67
C TYR B 272 -0.60 -0.14 5.98
N PHE B 273 -1.76 0.01 6.62
CA PHE B 273 -1.90 -0.42 8.02
C PHE B 273 -2.20 -1.90 8.24
N THR B 274 -2.46 -2.64 7.17
CA THR B 274 -2.50 -4.09 7.31
C THR B 274 -1.15 -4.66 6.91
N SER B 275 -0.71 -4.33 5.71
CA SER B 275 0.42 -4.99 5.06
C SER B 275 1.84 -4.55 5.47
N THR B 276 1.97 -3.32 5.98
CA THR B 276 3.28 -2.68 6.18
C THR B 276 3.52 -2.28 7.62
N GLU B 277 2.49 -1.71 8.24
CA GLU B 277 2.62 -1.18 9.58
C GLU B 277 1.39 -1.56 10.41
N PRO B 278 1.14 -2.87 10.56
CA PRO B 278 0.06 -3.34 11.45
C PRO B 278 0.31 -3.06 12.93
N GLN B 279 1.56 -2.82 13.30
CA GLN B 279 1.91 -2.47 14.67
C GLN B 279 1.55 -1.01 15.06
N TYR B 280 1.35 -0.13 14.06
CA TYR B 280 1.14 1.29 14.27
C TYR B 280 0.43 1.64 15.57
N GLN B 281 1.08 2.46 16.41
CA GLN B 281 0.48 3.06 17.59
C GLN B 281 0.42 4.58 17.45
N PRO B 282 -0.70 5.21 17.85
CA PRO B 282 -0.75 6.68 17.78
C PRO B 282 0.21 7.32 18.76
N GLY B 283 0.68 8.50 18.42
CA GLY B 283 1.62 9.24 19.23
C GLY B 283 1.13 10.66 19.46
N GLU B 284 2.07 11.53 19.81
CA GLU B 284 1.77 12.89 20.17
C GLU B 284 1.39 13.73 18.94
N ASN B 285 2.13 13.56 17.84
CA ASN B 285 1.83 14.32 16.60
C ASN B 285 1.51 13.50 15.35
N LEU B 286 1.84 12.22 15.34
CA LEU B 286 1.44 11.30 14.26
C LEU B 286 1.06 9.93 14.85
#